data_4NZL
#
_entry.id   4NZL
#
_cell.length_a   94.952
_cell.length_b   94.952
_cell.length_c   84.162
_cell.angle_alpha   90.00
_cell.angle_beta   90.00
_cell.angle_gamma   120.00
#
_symmetry.space_group_name_H-M   'P 61'
#
loop_
_entity.id
_entity.type
_entity.pdbx_description
1 polymer 'Neutrophil elastase'
2 polymer 'Uncharacterized protein'
3 branched beta-D-mannopyranose-(1-4)-2-acetamido-2-deoxy-beta-D-glucopyranose-(1-4)-[beta-L-fucopyranose-(1-6)]2-acetamido-2-deoxy-beta-D-glucopyranose
4 water water
#
loop_
_entity_poly.entity_id
_entity_poly.type
_entity_poly.pdbx_seq_one_letter_code
_entity_poly.pdbx_strand_id
1 'polypeptide(L)'
;IVGGRRARPHAWPFMVSLQLRGGHFCGATLIAPNFVMSAAHCVANVNVRAVRVVLGAHNLSRREPTRQVFAVQRIFENGY
DPVNLLNDIVILQLNGSATINANVQVAQLPAQGRRLGNGVQCLAMGWGLLGRNRGIASVLQELNVTVVTSLCRRSNVCTL
VRGRQAGVCFGDSGSPLVCNGLIHGIASFVRGGCASGLYPDAFAPVAQFVNWIDSIIQ
;
A
2 'polypeptide(L)'
;GSTDSNNGYKELTMDGKHTVPYTISVDGITALHRTYFVFPENKKVLYQEIDSKVKNELASQRGVTTEKINNAQTATYTLT
LNDGNKKVVNLKKNDDAKNSIDPSTIKQIQIVVK
;
B
#
# COMPACT_ATOMS: atom_id res chain seq x y z
N ILE A 1 -5.36 7.30 -5.05
CA ILE A 1 -6.13 8.36 -4.37
C ILE A 1 -7.47 8.48 -5.08
N VAL A 2 -8.56 8.28 -4.35
CA VAL A 2 -9.91 8.42 -4.91
C VAL A 2 -10.47 9.78 -4.53
N GLY A 3 -10.94 10.55 -5.50
CA GLY A 3 -11.60 11.81 -5.20
C GLY A 3 -10.66 12.98 -4.96
N GLY A 4 -9.42 12.85 -5.42
CA GLY A 4 -8.43 13.90 -5.22
C GLY A 4 -8.24 14.71 -6.49
N ARG A 5 -7.07 15.34 -6.62
CA ARG A 5 -6.76 16.14 -7.81
C ARG A 5 -5.32 15.83 -8.24
N ARG A 6 -4.98 16.15 -9.48
CA ARG A 6 -3.58 16.01 -9.91
C ARG A 6 -2.73 17.02 -9.14
N ALA A 7 -1.60 16.56 -8.63
CA ALA A 7 -0.63 17.44 -8.00
C ALA A 7 0.08 18.27 -9.06
N ARG A 8 0.59 19.45 -8.68
CA ARG A 8 1.49 20.20 -9.57
C ARG A 8 2.74 19.35 -9.83
N PRO A 9 3.32 19.40 -11.04
CA PRO A 9 4.56 18.65 -11.31
C PRO A 9 5.65 18.96 -10.31
N HIS A 10 6.10 17.90 -9.62
CA HIS A 10 7.19 17.96 -8.67
C HIS A 10 6.90 18.89 -7.48
N ALA A 11 5.62 19.00 -7.12
CA ALA A 11 5.21 19.78 -5.96
C ALA A 11 5.77 19.18 -4.67
N TRP A 12 5.93 17.86 -4.66
CA TRP A 12 6.32 17.13 -3.46
C TRP A 12 7.56 16.31 -3.76
N PRO A 13 8.73 16.96 -3.82
CA PRO A 13 9.93 16.32 -4.36
C PRO A 13 10.50 15.18 -3.50
N PHE A 14 9.90 14.96 -2.31
CA PHE A 14 10.28 13.82 -1.47
C PHE A 14 9.46 12.55 -1.81
N MET A 15 8.50 12.68 -2.70
CA MET A 15 7.60 11.57 -3.04
C MET A 15 8.33 10.54 -3.92
N VAL A 16 8.17 9.25 -3.57
CA VAL A 16 8.94 8.17 -4.21
C VAL A 16 7.99 7.11 -4.76
N SER A 17 8.33 6.54 -5.92
CA SER A 17 7.58 5.37 -6.42
C SER A 17 8.41 4.10 -6.29
N LEU A 18 7.87 3.08 -5.64
CA LEU A 18 8.55 1.76 -5.57
C LEU A 18 7.97 0.89 -6.65
N GLN A 19 8.84 0.31 -7.49
CA GLN A 19 8.38 -0.43 -8.66
C GLN A 19 8.96 -1.83 -8.74
N LEU A 20 8.13 -2.74 -9.23
CA LEU A 20 8.52 -4.12 -9.48
C LEU A 20 8.08 -4.43 -10.90
N ARG A 21 8.99 -4.97 -11.71
CA ARG A 21 8.69 -5.25 -13.11
C ARG A 21 8.14 -4.04 -13.88
N GLY A 22 8.65 -2.86 -13.58
CA GLY A 22 8.22 -1.64 -14.26
C GLY A 22 6.85 -1.15 -13.83
N GLY A 23 6.29 -1.75 -12.79
CA GLY A 23 4.99 -1.32 -12.28
C GLY A 23 5.03 -0.84 -10.84
N HIS A 24 4.51 0.36 -10.62
CA HIS A 24 4.33 0.92 -9.28
C HIS A 24 3.49 0.02 -8.37
N PHE A 25 3.97 -0.28 -7.16
CA PHE A 25 3.17 -1.08 -6.23
C PHE A 25 2.99 -0.40 -4.87
N CYS A 26 3.86 0.57 -4.56
CA CYS A 26 3.83 1.25 -3.26
C CYS A 26 4.52 2.60 -3.38
N GLY A 27 4.14 3.55 -2.53
CA GLY A 27 4.86 4.82 -2.44
C GLY A 27 5.94 4.74 -1.38
N ALA A 28 6.74 5.79 -1.29
CA ALA A 28 7.71 5.94 -0.22
C ALA A 28 8.07 7.42 -0.08
N THR A 29 8.85 7.74 0.93
CA THR A 29 9.27 9.13 1.20
C THR A 29 10.80 9.20 1.29
N LEU A 30 11.42 10.14 0.57
CA LEU A 30 12.87 10.33 0.69
C LEU A 30 13.18 11.07 1.97
N ILE A 31 13.93 10.44 2.88
CA ILE A 31 14.17 11.08 4.18
C ILE A 31 15.67 11.40 4.42
N ALA A 32 16.52 10.92 3.52
CA ALA A 32 17.95 11.27 3.49
C ALA A 32 18.40 10.96 2.09
N PRO A 33 19.58 11.44 1.68
CA PRO A 33 19.92 11.17 0.29
C PRO A 33 20.02 9.68 -0.03
N ASN A 34 20.33 8.85 0.96
CA ASN A 34 20.44 7.42 0.71
C ASN A 34 19.45 6.55 1.50
N PHE A 35 18.32 7.13 1.90
CA PHE A 35 17.29 6.39 2.66
C PHE A 35 15.88 6.81 2.26
N VAL A 36 15.01 5.84 2.07
CA VAL A 36 13.58 6.13 1.94
C VAL A 36 12.81 5.41 3.07
N MET A 37 11.61 5.90 3.32
CA MET A 37 10.75 5.39 4.37
C MET A 37 9.46 4.93 3.71
N SER A 38 8.99 3.70 4.01
CA SER A 38 7.76 3.18 3.38
C SER A 38 6.98 2.35 4.41
N ALA A 39 5.94 1.65 3.95
CA ALA A 39 5.20 0.72 4.81
C ALA A 39 5.89 -0.63 4.82
N ALA A 40 5.99 -1.25 5.98
CA ALA A 40 6.67 -2.54 6.04
C ALA A 40 5.97 -3.61 5.22
N HIS A 41 4.63 -3.55 5.14
CA HIS A 41 3.93 -4.57 4.39
C HIS A 41 4.26 -4.51 2.91
N CYS A 42 4.79 -3.37 2.45
CA CYS A 42 5.15 -3.22 1.04
C CYS A 42 6.30 -4.13 0.62
N VAL A 43 7.19 -4.40 1.55
CA VAL A 43 8.40 -5.12 1.19
C VAL A 43 8.63 -6.35 2.06
N ALA A 44 7.60 -6.75 2.81
CA ALA A 44 7.81 -7.77 3.87
C ALA A 44 8.22 -9.12 3.32
N ASN A 45 7.60 -9.55 2.22
CA ASN A 45 8.05 -10.79 1.62
C ASN A 45 7.97 -10.65 0.10
N VAL A 46 8.85 -9.81 -0.44
CA VAL A 46 8.97 -9.62 -1.90
C VAL A 46 10.40 -9.86 -2.34
N ASN A 47 10.59 -9.93 -3.66
CA ASN A 47 11.93 -10.05 -4.27
C ASN A 47 12.64 -8.70 -4.19
N VAL A 48 13.31 -8.44 -3.07
CA VAL A 48 13.88 -7.13 -2.77
C VAL A 48 14.87 -6.62 -3.83
N ARG A 49 15.69 -7.52 -4.35
CA ARG A 49 16.68 -7.17 -5.37
C ARG A 49 16.08 -6.61 -6.65
N ALA A 50 14.80 -6.88 -6.87
CA ALA A 50 14.15 -6.44 -8.10
C ALA A 50 13.44 -5.09 -7.91
N VAL A 51 13.36 -4.63 -6.66
CA VAL A 51 12.64 -3.38 -6.38
C VAL A 51 13.42 -2.19 -6.92
N ARG A 52 12.74 -1.33 -7.67
CA ARG A 52 13.36 -0.11 -8.13
C ARG A 52 12.78 1.07 -7.36
N VAL A 53 13.66 1.91 -6.84
CA VAL A 53 13.26 3.06 -6.03
C VAL A 53 13.36 4.27 -6.93
N VAL A 54 12.22 4.85 -7.27
CA VAL A 54 12.19 5.87 -8.31
C VAL A 54 11.94 7.25 -7.72
N LEU A 55 12.96 8.10 -7.78
CA LEU A 55 12.90 9.47 -7.26
C LEU A 55 12.62 10.45 -8.40
N GLY A 56 12.03 11.59 -8.10
CA GLY A 56 11.85 12.66 -9.07
C GLY A 56 10.81 12.40 -10.14
N ALA A 57 9.91 11.46 -9.90
CA ALA A 57 8.85 11.14 -10.87
C ALA A 57 7.62 12.00 -10.68
N HIS A 58 6.81 12.13 -11.75
CA HIS A 58 5.51 12.76 -11.62
C HIS A 58 4.44 12.01 -12.40
N ASN A 59 4.72 11.78 -13.68
CA ASN A 59 3.79 11.05 -14.54
C ASN A 59 4.38 9.68 -14.86
N LEU A 60 3.82 8.64 -14.28
CA LEU A 60 4.39 7.31 -14.42
C LEU A 60 4.24 6.75 -15.84
N SER A 61 3.40 7.39 -16.66
CA SER A 61 3.20 6.93 -18.04
C SER A 61 4.09 7.63 -19.08
N ARG A 62 4.98 8.49 -18.63
CA ARG A 62 5.86 9.21 -19.56
C ARG A 62 7.32 8.92 -19.22
N ARG A 63 8.19 9.05 -20.21
CA ARG A 63 9.63 9.01 -19.94
C ARG A 63 10.01 10.34 -19.31
N GLU A 64 10.73 10.28 -18.19
CA GLU A 64 11.02 11.48 -17.40
C GLU A 64 12.50 11.56 -17.03
N PRO A 65 13.22 12.54 -17.61
CA PRO A 65 14.65 12.77 -17.34
C PRO A 65 14.93 13.24 -15.91
N THR A 66 13.90 13.74 -15.23
CA THR A 66 14.03 14.17 -13.84
C THR A 66 14.25 13.02 -12.86
N ARG A 67 14.07 11.79 -13.32
CA ARG A 67 14.10 10.63 -12.40
C ARG A 67 15.51 10.18 -12.03
N GLN A 68 15.68 9.75 -10.79
CA GLN A 68 16.88 9.05 -10.34
C GLN A 68 16.43 7.71 -9.81
N VAL A 69 17.06 6.63 -10.26
CA VAL A 69 16.60 5.29 -9.86
C VAL A 69 17.67 4.56 -9.03
N PHE A 70 17.22 3.96 -7.92
CA PHE A 70 18.13 3.27 -7.01
C PHE A 70 17.63 1.86 -6.70
N ALA A 71 18.50 1.07 -6.09
CA ALA A 71 18.13 -0.25 -5.60
C ALA A 71 18.09 -0.24 -4.07
N VAL A 72 17.46 -1.25 -3.50
CA VAL A 72 17.40 -1.41 -2.05
C VAL A 72 18.63 -2.17 -1.57
N GLN A 73 19.41 -1.56 -0.69
CA GLN A 73 20.61 -2.20 -0.16
C GLN A 73 20.33 -2.92 1.16
N ARG A 74 19.46 -2.35 1.97
CA ARG A 74 19.22 -2.93 3.29
C ARG A 74 17.83 -2.53 3.79
N ILE A 75 17.19 -3.42 4.55
CA ILE A 75 15.87 -3.18 5.13
C ILE A 75 15.96 -3.03 6.64
N PHE A 76 15.47 -1.91 7.17
CA PHE A 76 15.39 -1.69 8.62
C PHE A 76 13.95 -1.70 9.10
N GLU A 77 13.65 -2.47 10.14
CA GLU A 77 12.30 -2.53 10.65
C GLU A 77 12.30 -2.38 12.15
N ASN A 78 11.12 -2.22 12.73
CA ASN A 78 11.00 -1.97 14.16
C ASN A 78 9.71 -2.55 14.73
N GLY A 79 9.69 -3.86 14.93
CA GLY A 79 8.59 -4.52 15.59
C GLY A 79 7.33 -4.64 14.74
N TYR A 80 7.51 -4.80 13.44
CA TYR A 80 6.37 -4.97 12.52
C TYR A 80 5.56 -6.22 12.86
N ASP A 81 4.25 -6.07 12.96
CA ASP A 81 3.36 -7.19 13.18
C ASP A 81 2.35 -7.28 12.03
N PRO A 82 2.49 -8.27 11.15
CA PRO A 82 1.65 -8.36 9.94
C PRO A 82 0.21 -8.79 10.26
N VAL A 83 0.03 -9.41 11.43
CA VAL A 83 -1.31 -9.87 11.78
C VAL A 83 -2.27 -8.71 11.97
N ASN A 84 -1.80 -7.68 12.67
CA ASN A 84 -2.62 -6.52 12.99
C ASN A 84 -2.13 -5.24 12.31
N LEU A 85 -1.14 -5.37 11.44
CA LEU A 85 -0.46 -4.22 10.81
C LEU A 85 -0.06 -3.15 11.82
N LEU A 86 0.63 -3.57 12.87
CA LEU A 86 1.19 -2.64 13.85
C LEU A 86 2.63 -2.34 13.48
N ASN A 87 3.08 -1.12 13.75
CA ASN A 87 4.45 -0.70 13.43
C ASN A 87 4.77 -0.97 11.96
N ASP A 88 3.87 -0.52 11.10
CA ASP A 88 3.93 -0.80 9.66
C ASP A 88 4.86 0.22 8.99
N ILE A 89 6.12 0.18 9.37
CA ILE A 89 7.09 1.15 8.85
C ILE A 89 8.41 0.46 8.56
N VAL A 90 9.03 0.85 7.46
CA VAL A 90 10.36 0.33 7.13
C VAL A 90 11.22 1.49 6.65
N ILE A 91 12.52 1.43 6.96
CA ILE A 91 13.49 2.32 6.33
C ILE A 91 14.33 1.50 5.35
N LEU A 92 14.43 1.99 4.11
CA LEU A 92 15.15 1.28 3.08
C LEU A 92 16.41 2.05 2.75
N GLN A 93 17.57 1.43 2.96
CA GLN A 93 18.84 2.06 2.56
C GLN A 93 19.04 1.84 1.08
N LEU A 94 19.41 2.91 0.37
CA LEU A 94 19.63 2.84 -1.07
C LEU A 94 21.05 2.40 -1.38
N ASN A 95 21.28 1.96 -2.61
CA ASN A 95 22.61 1.54 -3.04
C ASN A 95 23.49 2.71 -3.47
N GLY A 96 23.08 3.92 -3.12
CA GLY A 96 23.77 5.14 -3.53
C GLY A 96 23.07 6.33 -2.91
N SER A 97 23.58 7.54 -3.14
CA SER A 97 22.96 8.75 -2.62
C SER A 97 22.35 9.57 -3.76
N ALA A 98 21.09 9.95 -3.60
CA ALA A 98 20.45 10.87 -4.55
C ALA A 98 21.19 12.19 -4.62
N THR A 99 21.20 12.79 -5.81
CA THR A 99 21.56 14.19 -5.96
C THR A 99 20.34 15.05 -5.68
N ILE A 100 20.46 15.96 -4.72
CA ILE A 100 19.35 16.84 -4.38
C ILE A 100 19.22 17.93 -5.42
N ASN A 101 18.01 18.12 -5.94
CA ASN A 101 17.77 19.17 -6.93
C ASN A 101 16.31 19.61 -6.87
N ALA A 102 15.83 20.31 -7.88
CA ALA A 102 14.48 20.84 -7.82
C ALA A 102 13.44 19.72 -7.67
N ASN A 103 13.73 18.56 -8.25
CA ASN A 103 12.75 17.49 -8.31
C ASN A 103 12.94 16.36 -7.30
N VAL A 104 14.05 16.41 -6.56
CA VAL A 104 14.39 15.38 -5.61
C VAL A 104 14.91 16.04 -4.34
N GLN A 105 14.10 16.03 -3.28
CA GLN A 105 14.48 16.66 -2.01
C GLN A 105 14.06 15.80 -0.84
N VAL A 106 14.69 15.98 0.33
CA VAL A 106 14.29 15.15 1.47
C VAL A 106 13.17 15.81 2.28
N ALA A 107 12.36 14.97 2.90
CA ALA A 107 11.26 15.46 3.70
C ALA A 107 11.70 15.86 5.10
N GLN A 108 10.87 16.65 5.77
CA GLN A 108 11.10 17.00 7.17
C GLN A 108 10.14 16.20 8.06
N LEU A 109 10.63 15.69 9.18
CA LEU A 109 9.84 14.86 10.09
C LEU A 109 9.46 15.59 11.38
N PRO A 110 8.40 15.11 12.05
CA PRO A 110 8.06 15.74 13.34
C PRO A 110 9.02 15.34 14.45
N ALA A 111 8.84 15.92 15.63
CA ALA A 111 9.59 15.51 16.82
C ALA A 111 8.99 14.24 17.39
N GLN A 112 9.82 13.41 18.01
CA GLN A 112 9.37 12.17 18.67
C GLN A 112 8.16 12.41 19.58
N GLY A 113 7.15 11.58 19.46
CA GLY A 113 6.01 11.59 20.37
C GLY A 113 4.92 12.62 20.10
N ARG A 114 5.16 13.50 19.15
CA ARG A 114 4.19 14.55 18.83
C ARG A 114 2.91 13.95 18.26
N ARG A 115 1.77 14.26 18.88
CA ARG A 115 0.50 13.69 18.44
C ARG A 115 -0.39 14.79 17.87
N LEU A 116 -1.06 14.49 16.76
CA LEU A 116 -1.97 15.44 16.13
C LEU A 116 -3.39 15.22 16.63
N GLY A 117 -4.10 16.33 16.87
CA GLY A 117 -5.46 16.23 17.37
C GLY A 117 -6.49 16.18 16.27
N ASN A 118 -7.73 15.88 16.66
CA ASN A 118 -8.90 15.98 15.78
C ASN A 118 -8.97 17.30 15.04
N GLY A 119 -9.11 17.25 13.72
CA GLY A 119 -9.34 18.44 12.94
C GLY A 119 -8.15 19.06 12.24
N VAL A 120 -6.95 18.57 12.55
CA VAL A 120 -5.75 19.07 11.86
C VAL A 120 -5.88 18.77 10.36
N GLN A 121 -5.53 19.75 9.53
CA GLN A 121 -5.66 19.63 8.08
C GLN A 121 -4.35 19.16 7.45
N CYS A 122 -4.44 18.07 6.70
CA CYS A 122 -3.26 17.42 6.12
C CYS A 122 -3.48 17.19 4.63
N LEU A 123 -2.43 16.72 3.98
CA LEU A 123 -2.53 16.37 2.57
C LEU A 123 -2.01 14.95 2.38
N ALA A 124 -2.83 14.10 1.76
CA ALA A 124 -2.40 12.76 1.36
C ALA A 124 -2.05 12.80 -0.12
N MET A 125 -1.27 11.82 -0.59
CA MET A 125 -0.85 11.82 -1.98
C MET A 125 -0.43 10.42 -2.40
N GLY A 126 -0.38 10.17 -3.71
CA GLY A 126 0.07 8.87 -4.18
C GLY A 126 -0.34 8.58 -5.60
N TRP A 127 0.16 7.47 -6.12
CA TRP A 127 -0.16 7.02 -7.48
C TRP A 127 -1.14 5.84 -7.48
N GLY A 128 -1.81 5.60 -6.35
CA GLY A 128 -2.74 4.48 -6.29
C GLY A 128 -3.99 4.64 -7.14
N LEU A 129 -4.88 3.65 -7.04
CA LEU A 129 -6.11 3.63 -7.85
C LEU A 129 -6.90 4.92 -7.75
N LEU A 130 -7.47 5.34 -8.88
CA LEU A 130 -8.28 6.56 -8.94
C LEU A 130 -9.74 6.29 -8.53
N GLY A 131 -10.10 5.02 -8.50
CA GLY A 131 -11.43 4.62 -8.08
C GLY A 131 -11.34 3.21 -7.51
N ARG A 132 -12.46 2.67 -7.06
CA ARG A 132 -12.43 1.28 -6.63
C ARG A 132 -12.43 0.37 -7.86
N ASN A 133 -11.68 -0.75 -7.79
CA ASN A 133 -11.55 -1.69 -8.90
C ASN A 133 -10.95 -1.03 -10.13
N ARG A 134 -10.08 -0.06 -9.86
CA ARG A 134 -9.53 0.84 -10.86
C ARG A 134 -8.13 0.40 -11.27
N GLY A 135 -7.44 1.25 -12.00
CA GLY A 135 -6.03 1.06 -12.31
C GLY A 135 -5.19 2.17 -11.70
N ILE A 136 -3.88 1.92 -11.60
CA ILE A 136 -2.92 2.89 -11.07
C ILE A 136 -3.09 4.23 -11.81
N ALA A 137 -2.95 5.34 -11.10
CA ALA A 137 -2.92 6.66 -11.73
C ALA A 137 -1.69 6.79 -12.65
N SER A 138 -1.75 7.70 -13.61
CA SER A 138 -0.55 8.12 -14.32
C SER A 138 0.13 9.25 -13.54
N VAL A 139 -0.66 10.26 -13.23
CA VAL A 139 -0.17 11.49 -12.61
C VAL A 139 -0.34 11.41 -11.09
N LEU A 140 0.70 11.80 -10.35
CA LEU A 140 0.62 11.92 -8.90
C LEU A 140 -0.62 12.70 -8.45
N GLN A 141 -1.36 12.14 -7.49
CA GLN A 141 -2.58 12.77 -7.00
C GLN A 141 -2.38 13.29 -5.59
N GLU A 142 -3.17 14.30 -5.20
CA GLU A 142 -3.15 14.74 -3.81
C GLU A 142 -4.59 14.93 -3.32
N LEU A 143 -4.74 14.97 -2.01
CA LEU A 143 -6.07 14.97 -1.40
C LEU A 143 -6.05 15.66 -0.04
N ASN A 144 -6.90 16.66 0.14
CA ASN A 144 -7.08 17.30 1.44
C ASN A 144 -7.84 16.38 2.37
N VAL A 145 -7.23 16.05 3.51
CA VAL A 145 -7.87 15.21 4.52
C VAL A 145 -7.76 15.83 5.91
N THR A 146 -8.54 15.30 6.85
CA THR A 146 -8.53 15.80 8.22
C THR A 146 -8.24 14.68 9.21
N VAL A 147 -7.37 14.96 10.18
CA VAL A 147 -7.09 13.98 11.22
C VAL A 147 -8.34 13.72 12.08
N VAL A 148 -8.59 12.45 12.37
CA VAL A 148 -9.69 12.07 13.26
C VAL A 148 -9.22 11.01 14.26
N THR A 149 -9.90 10.89 15.39
CA THR A 149 -9.57 9.84 16.33
C THR A 149 -10.67 8.77 16.47
N SER A 150 -11.88 9.07 16.01
CA SER A 150 -12.95 8.08 16.06
C SER A 150 -12.70 6.92 15.10
N LEU A 151 -12.86 5.70 15.62
CA LEU A 151 -12.56 4.46 14.89
C LEU A 151 -11.07 4.34 14.57
N CYS A 152 -10.22 4.98 15.38
CA CYS A 152 -8.78 4.91 15.15
C CYS A 152 -8.06 4.37 16.37
N ARG A 153 -7.08 3.51 16.12
CA ARG A 153 -6.23 2.97 17.18
C ARG A 153 -5.23 4.03 17.62
N ARG A 154 -4.80 3.97 18.89
CA ARG A 154 -3.81 4.92 19.37
C ARG A 154 -2.47 4.69 18.67
N SER A 155 -2.27 3.49 18.12
CA SER A 155 -1.05 3.17 17.39
C SER A 155 -1.10 3.57 15.91
N ASN A 156 -2.11 4.35 15.52
CA ASN A 156 -2.19 4.87 14.14
C ASN A 156 -2.53 6.36 14.14
N VAL A 157 -2.24 7.00 13.01
CA VAL A 157 -2.82 8.29 12.67
C VAL A 157 -3.91 8.02 11.63
N CYS A 158 -5.13 8.50 11.88
CA CYS A 158 -6.23 8.25 10.94
C CYS A 158 -6.78 9.54 10.35
N THR A 159 -7.26 9.47 9.11
CA THR A 159 -7.76 10.67 8.45
C THR A 159 -9.06 10.39 7.72
N LEU A 160 -9.82 11.45 7.47
CA LEU A 160 -11.12 11.31 6.85
C LEU A 160 -11.43 12.53 5.98
N VAL A 161 -12.15 12.31 4.87
CA VAL A 161 -12.69 13.43 4.10
C VAL A 161 -14.18 13.50 4.45
N ARG A 162 -14.60 14.57 5.11
CA ARG A 162 -15.99 14.63 5.53
C ARG A 162 -16.90 15.09 4.41
N GLY A 163 -18.07 14.46 4.30
CA GLY A 163 -19.08 14.91 3.37
C GLY A 163 -19.05 14.29 1.99
N ARG A 164 -18.06 13.43 1.73
CA ARG A 164 -17.99 12.73 0.46
C ARG A 164 -17.08 11.51 0.52
N GLN A 165 -17.19 10.65 -0.48
CA GLN A 165 -16.42 9.41 -0.55
C GLN A 165 -15.09 9.66 -1.26
N ALA A 166 -14.03 9.81 -0.48
CA ALA A 166 -12.69 10.06 -1.01
C ALA A 166 -11.67 9.51 -0.03
N GLY A 167 -10.50 9.12 -0.54
CA GLY A 167 -9.48 8.56 0.35
C GLY A 167 -8.36 7.88 -0.41
N VAL A 168 -7.41 7.31 0.32
CA VAL A 168 -6.32 6.57 -0.29
C VAL A 168 -6.83 5.24 -0.81
N CYS A 169 -6.12 4.65 -1.76
CA CYS A 169 -6.55 3.37 -2.33
C CYS A 169 -5.33 2.56 -2.75
N PHE A 170 -5.53 1.39 -3.37
CA PHE A 170 -4.43 0.45 -3.52
C PHE A 170 -3.32 1.01 -4.39
N GLY A 171 -2.08 0.88 -3.93
CA GLY A 171 -0.96 1.55 -4.58
C GLY A 171 -0.54 2.78 -3.81
N ASP A 172 -1.41 3.28 -2.93
CA ASP A 172 -1.06 4.42 -2.07
C ASP A 172 -0.30 4.03 -0.78
N SER A 173 -0.28 2.75 -0.42
CA SER A 173 0.48 2.32 0.77
C SER A 173 1.91 2.87 0.69
N GLY A 174 2.45 3.28 1.83
CA GLY A 174 3.83 3.74 1.85
C GLY A 174 3.98 5.23 1.58
N SER A 175 2.94 5.86 1.05
CA SER A 175 3.01 7.29 0.69
C SER A 175 2.86 8.17 1.92
N PRO A 176 3.47 9.37 1.88
CA PRO A 176 3.44 10.27 3.03
C PRO A 176 2.10 10.95 3.25
N LEU A 177 1.81 11.20 4.53
CA LEU A 177 0.78 12.14 4.94
C LEU A 177 1.46 13.40 5.44
N VAL A 178 1.22 14.53 4.78
CA VAL A 178 1.92 15.77 5.11
C VAL A 178 1.01 16.67 5.94
N CYS A 179 1.49 17.11 7.09
CA CYS A 179 0.70 17.95 7.99
C CYS A 179 1.55 19.10 8.44
N ASN A 180 1.15 20.31 8.05
CA ASN A 180 1.92 21.53 8.28
C ASN A 180 3.40 21.38 7.91
N GLY A 181 3.64 20.80 6.74
CA GLY A 181 4.97 20.71 6.17
C GLY A 181 5.79 19.51 6.62
N LEU A 182 5.26 18.73 7.57
CA LEU A 182 5.99 17.61 8.14
C LEU A 182 5.31 16.27 7.82
N ILE A 183 6.10 15.20 7.72
CA ILE A 183 5.52 13.90 7.41
C ILE A 183 5.09 13.20 8.68
N HIS A 184 3.78 13.14 8.92
CA HIS A 184 3.26 12.57 10.16
C HIS A 184 2.75 11.16 9.96
N GLY A 185 2.63 10.72 8.71
CA GLY A 185 2.07 9.41 8.47
C GLY A 185 2.58 8.71 7.22
N ILE A 186 2.48 7.39 7.25
CA ILE A 186 2.79 6.51 6.12
C ILE A 186 1.55 5.68 5.82
N ALA A 187 1.01 5.77 4.60
CA ALA A 187 -0.29 5.14 4.35
C ALA A 187 -0.19 3.64 4.58
N SER A 188 -1.15 3.06 5.31
CA SER A 188 -1.02 1.67 5.74
C SER A 188 -2.25 0.85 5.31
N PHE A 189 -3.43 1.17 5.84
CA PHE A 189 -4.61 0.34 5.49
C PHE A 189 -5.94 1.09 5.51
N VAL A 190 -6.91 0.47 4.84
CA VAL A 190 -8.29 0.96 4.86
C VAL A 190 -9.20 -0.10 5.46
N ARG A 191 -10.42 0.32 5.81
CA ARG A 191 -11.47 -0.59 6.26
C ARG A 191 -12.76 -0.24 5.49
N GLY A 192 -13.54 -1.25 5.14
CA GLY A 192 -14.77 -1.02 4.39
C GLY A 192 -14.55 -0.64 2.93
N GLY A 193 -13.43 -1.07 2.36
CA GLY A 193 -13.06 -0.73 0.99
C GLY A 193 -12.50 0.68 0.91
N CYS A 194 -11.93 1.05 -0.24
CA CYS A 194 -11.43 2.41 -0.42
C CYS A 194 -12.57 3.41 -0.37
N ALA A 195 -12.29 4.61 0.12
CA ALA A 195 -13.20 5.74 0.04
C ALA A 195 -14.62 5.37 0.49
N SER A 196 -14.70 4.67 1.61
CA SER A 196 -16.00 4.24 2.15
C SER A 196 -16.84 5.42 2.61
N GLY A 197 -16.17 6.50 3.02
CA GLY A 197 -16.86 7.60 3.66
C GLY A 197 -17.37 7.23 5.05
N LEU A 198 -16.88 6.10 5.58
CA LEU A 198 -17.36 5.56 6.86
C LEU A 198 -16.25 5.32 7.86
N TYR A 199 -15.25 4.55 7.44
CA TYR A 199 -14.05 4.31 8.22
C TYR A 199 -12.96 5.28 7.78
N PRO A 200 -12.19 5.83 8.73
CA PRO A 200 -11.06 6.67 8.32
C PRO A 200 -9.92 5.82 7.77
N ASP A 201 -9.05 6.45 6.98
CA ASP A 201 -7.86 5.77 6.46
C ASP A 201 -6.82 5.71 7.58
N ALA A 202 -6.04 4.64 7.64
CA ALA A 202 -5.04 4.48 8.69
C ALA A 202 -3.61 4.62 8.16
N PHE A 203 -2.81 5.42 8.88
CA PHE A 203 -1.40 5.68 8.56
C PHE A 203 -0.51 5.24 9.72
N ALA A 204 0.69 4.74 9.40
CA ALA A 204 1.67 4.46 10.43
C ALA A 204 2.13 5.79 11.00
N PRO A 205 2.19 5.91 12.34
CA PRO A 205 2.41 7.20 13.01
C PRO A 205 3.91 7.54 13.10
N VAL A 206 4.39 8.32 12.13
CA VAL A 206 5.81 8.59 11.99
C VAL A 206 6.44 9.16 13.27
N ALA A 207 5.72 10.03 13.96
CA ALA A 207 6.27 10.69 15.15
C ALA A 207 6.61 9.72 16.29
N GLN A 208 6.03 8.52 16.26
CA GLN A 208 6.33 7.53 17.28
C GLN A 208 7.66 6.82 16.98
N PHE A 209 8.22 7.04 15.80
CA PHE A 209 9.42 6.31 15.37
C PHE A 209 10.64 7.20 15.07
N VAL A 210 10.55 8.47 15.40
CA VAL A 210 11.56 9.46 14.99
C VAL A 210 12.94 9.21 15.62
N ASN A 211 12.99 8.87 16.91
CA ASN A 211 14.28 8.56 17.52
C ASN A 211 14.95 7.37 16.83
N TRP A 212 14.15 6.36 16.48
CA TRP A 212 14.68 5.20 15.76
C TRP A 212 15.10 5.58 14.34
N ILE A 213 14.27 6.35 13.65
CA ILE A 213 14.63 6.81 12.30
C ILE A 213 15.96 7.57 12.35
N ASP A 214 16.06 8.51 13.28
CA ASP A 214 17.28 9.31 13.43
C ASP A 214 18.54 8.49 13.68
N SER A 215 18.40 7.41 14.45
CA SER A 215 19.56 6.56 14.75
C SER A 215 20.06 5.87 13.50
N ILE A 216 19.19 5.72 12.49
CA ILE A 216 19.58 5.06 11.25
C ILE A 216 20.12 6.03 10.20
N ILE A 217 19.49 7.19 10.06
CA ILE A 217 19.82 8.06 8.93
C ILE A 217 20.83 9.15 9.30
N GLN A 218 21.14 9.21 10.59
CA GLN A 218 22.02 10.22 11.19
C GLN A 218 21.36 11.59 11.17
N LYS B 17 1.42 -14.97 -20.07
CA LYS B 17 1.78 -14.20 -18.89
C LYS B 17 0.71 -13.18 -18.52
N HIS B 18 -0.31 -13.64 -17.81
CA HIS B 18 -1.45 -12.79 -17.43
C HIS B 18 -1.35 -12.35 -15.98
N THR B 19 -1.54 -11.05 -15.73
CA THR B 19 -1.48 -10.50 -14.38
C THR B 19 -2.86 -10.14 -13.85
N VAL B 20 -3.10 -10.46 -12.59
CA VAL B 20 -4.41 -10.34 -11.95
C VAL B 20 -4.26 -9.68 -10.59
N PRO B 21 -4.80 -8.47 -10.44
CA PRO B 21 -4.71 -7.80 -9.14
C PRO B 21 -5.56 -8.48 -8.06
N TYR B 22 -5.04 -8.52 -6.84
CA TYR B 22 -5.80 -9.08 -5.74
C TYR B 22 -5.65 -8.23 -4.48
N THR B 23 -6.64 -8.31 -3.59
CA THR B 23 -6.59 -7.62 -2.31
C THR B 23 -6.92 -8.58 -1.16
N ILE B 24 -6.40 -8.27 0.03
CA ILE B 24 -6.63 -9.13 1.19
C ILE B 24 -7.23 -8.32 2.33
N SER B 25 -8.40 -8.75 2.79
CA SER B 25 -9.04 -8.15 3.95
C SER B 25 -9.13 -9.17 5.08
N VAL B 26 -8.56 -8.85 6.23
CA VAL B 26 -8.60 -9.73 7.41
C VAL B 26 -9.11 -8.93 8.60
N ASP B 27 -10.17 -9.41 9.25
CA ASP B 27 -10.83 -8.65 10.31
C ASP B 27 -11.14 -7.22 9.85
N GLY B 28 -11.50 -7.07 8.59
CA GLY B 28 -11.90 -5.78 8.07
C GLY B 28 -10.75 -4.92 7.58
N ILE B 29 -9.54 -5.24 8.02
CA ILE B 29 -8.34 -4.45 7.70
C ILE B 29 -7.77 -4.87 6.35
N THR B 30 -7.54 -3.90 5.46
CA THR B 30 -7.05 -4.16 4.12
C THR B 30 -5.78 -3.34 3.82
N ALA B 31 -4.64 -4.00 3.72
CA ALA B 31 -3.38 -3.30 3.44
C ALA B 31 -3.43 -2.73 2.03
N LEU B 32 -2.81 -1.56 1.82
CA LEU B 32 -3.03 -0.78 0.61
C LEU B 32 -2.01 -0.99 -0.52
N HIS B 33 -1.14 -1.99 -0.42
CA HIS B 33 -0.17 -2.16 -1.51
C HIS B 33 -0.85 -2.77 -2.74
N ARG B 34 -0.29 -2.49 -3.92
CA ARG B 34 -0.87 -3.02 -5.14
C ARG B 34 -0.19 -4.36 -5.44
N THR B 35 -0.95 -5.45 -5.38
CA THR B 35 -0.36 -6.77 -5.52
C THR B 35 -1.02 -7.56 -6.65
N TYR B 36 -0.23 -8.36 -7.36
CA TYR B 36 -0.73 -9.13 -8.50
C TYR B 36 -0.35 -10.60 -8.39
N PHE B 37 -1.24 -11.47 -8.87
CA PHE B 37 -0.89 -12.85 -9.20
C PHE B 37 -0.50 -12.91 -10.66
N VAL B 38 0.59 -13.62 -10.94
CA VAL B 38 1.07 -13.78 -12.31
C VAL B 38 0.97 -15.24 -12.75
N PHE B 39 0.25 -15.49 -13.83
CA PHE B 39 0.07 -16.84 -14.35
C PHE B 39 0.84 -17.05 -15.65
N ASN B 42 -5.87 -18.36 -20.99
CA ASN B 42 -4.82 -19.01 -21.74
C ASN B 42 -3.94 -19.86 -20.84
N LYS B 43 -3.83 -21.15 -21.18
CA LYS B 43 -3.23 -22.16 -20.32
C LYS B 43 -4.01 -22.25 -19.00
N LYS B 44 -5.03 -23.08 -18.98
CA LYS B 44 -5.88 -23.25 -17.80
C LYS B 44 -5.09 -23.80 -16.63
N VAL B 45 -5.56 -23.52 -15.42
CA VAL B 45 -4.95 -24.07 -14.22
C VAL B 45 -6.04 -24.63 -13.31
N LEU B 46 -5.63 -25.52 -12.41
CA LEU B 46 -6.54 -26.04 -11.41
C LEU B 46 -6.82 -24.95 -10.39
N TYR B 47 -8.02 -24.95 -9.81
CA TYR B 47 -8.32 -24.03 -8.71
C TYR B 47 -7.34 -24.24 -7.55
N GLN B 48 -6.89 -25.47 -7.38
CA GLN B 48 -5.90 -25.80 -6.35
C GLN B 48 -4.64 -24.94 -6.48
N GLU B 49 -4.22 -24.67 -7.72
CA GLU B 49 -3.03 -23.85 -7.94
C GLU B 49 -3.28 -22.43 -7.46
N ILE B 50 -4.50 -21.94 -7.62
CA ILE B 50 -4.86 -20.61 -7.15
C ILE B 50 -4.98 -20.62 -5.63
N ASP B 51 -5.60 -21.67 -5.08
CA ASP B 51 -5.74 -21.81 -3.63
C ASP B 51 -4.39 -21.78 -2.91
N SER B 52 -3.43 -22.54 -3.43
CA SER B 52 -2.08 -22.58 -2.86
C SER B 52 -1.48 -21.17 -2.76
N LYS B 53 -1.61 -20.41 -3.84
CA LYS B 53 -1.05 -19.07 -3.87
C LYS B 53 -1.81 -18.11 -2.95
N VAL B 54 -3.13 -18.25 -2.91
CA VAL B 54 -3.95 -17.41 -2.04
C VAL B 54 -3.69 -17.69 -0.57
N LYS B 55 -3.62 -18.97 -0.20
CA LYS B 55 -3.38 -19.31 1.18
C LYS B 55 -1.97 -18.94 1.59
N ASN B 56 -1.01 -19.12 0.69
CA ASN B 56 0.37 -18.76 1.01
C ASN B 56 0.50 -17.25 1.20
N GLU B 57 -0.19 -16.47 0.37
CA GLU B 57 -0.09 -15.01 0.51
C GLU B 57 -0.90 -14.50 1.71
N LEU B 58 -2.00 -15.16 2.06
CA LEU B 58 -2.69 -14.87 3.33
C LEU B 58 -1.75 -15.04 4.53
N ALA B 59 -0.93 -16.10 4.51
CA ALA B 59 0.05 -16.34 5.55
C ALA B 59 1.23 -15.38 5.43
N SER B 60 1.68 -15.17 4.20
CA SER B 60 2.88 -14.35 3.96
C SER B 60 2.62 -12.87 4.26
N GLN B 61 1.42 -12.39 3.95
CA GLN B 61 1.14 -10.96 4.07
C GLN B 61 0.48 -10.57 5.39
N ARG B 62 -0.34 -11.46 5.94
CA ARG B 62 -1.11 -11.09 7.13
C ARG B 62 -1.04 -12.13 8.26
N GLY B 63 -0.12 -13.09 8.14
CA GLY B 63 0.10 -14.05 9.20
C GLY B 63 -1.10 -14.93 9.50
N VAL B 64 -1.95 -15.13 8.49
CA VAL B 64 -3.14 -15.94 8.61
C VAL B 64 -2.77 -17.43 8.54
N THR B 65 -3.16 -18.16 9.58
CA THR B 65 -2.85 -19.58 9.70
C THR B 65 -4.05 -20.44 9.29
N THR B 66 -3.80 -21.73 9.08
CA THR B 66 -4.88 -22.67 8.83
C THR B 66 -5.95 -22.60 9.92
N GLU B 67 -5.52 -22.37 11.16
CA GLU B 67 -6.45 -22.25 12.27
C GLU B 67 -7.30 -20.99 12.20
N LYS B 68 -6.69 -19.90 11.75
CA LYS B 68 -7.42 -18.64 11.63
C LYS B 68 -8.53 -18.82 10.59
N ILE B 69 -8.21 -19.49 9.49
CA ILE B 69 -9.17 -19.74 8.43
C ILE B 69 -10.33 -20.61 8.95
N ASN B 70 -9.98 -21.65 9.69
CA ASN B 70 -10.98 -22.59 10.19
C ASN B 70 -11.89 -22.00 11.27
N ASN B 71 -11.41 -20.97 11.96
CA ASN B 71 -12.19 -20.39 13.06
C ASN B 71 -12.88 -19.09 12.70
N ALA B 72 -12.68 -18.64 11.47
CA ALA B 72 -13.35 -17.44 11.00
C ALA B 72 -14.79 -17.76 10.64
N GLN B 73 -15.69 -16.78 10.80
CA GLN B 73 -17.06 -16.92 10.34
C GLN B 73 -17.08 -17.20 8.84
N THR B 74 -16.26 -16.45 8.10
CA THR B 74 -16.13 -16.67 6.67
C THR B 74 -14.68 -16.45 6.20
N ALA B 75 -14.27 -17.25 5.22
CA ALA B 75 -12.94 -17.17 4.64
C ALA B 75 -13.02 -17.62 3.19
N THR B 76 -13.03 -16.66 2.28
CA THR B 76 -13.20 -16.95 0.85
C THR B 76 -12.34 -16.08 -0.03
N TYR B 77 -12.30 -16.41 -1.33
CA TYR B 77 -11.84 -15.45 -2.31
C TYR B 77 -12.74 -15.45 -3.52
N THR B 78 -12.99 -14.25 -4.02
CA THR B 78 -13.94 -14.05 -5.11
C THR B 78 -13.21 -13.67 -6.38
N LEU B 79 -13.45 -14.46 -7.44
CA LEU B 79 -12.95 -14.11 -8.75
C LEU B 79 -13.96 -13.22 -9.46
N THR B 80 -13.56 -12.01 -9.84
CA THR B 80 -14.38 -11.22 -10.75
C THR B 80 -13.86 -11.50 -12.15
N LEU B 81 -14.75 -12.01 -12.99
CA LEU B 81 -14.36 -12.38 -14.35
C LEU B 81 -14.57 -11.22 -15.30
N ASN B 82 -13.91 -11.28 -16.45
CA ASN B 82 -13.98 -10.21 -17.43
C ASN B 82 -15.38 -10.04 -18.03
N ASP B 83 -16.22 -11.07 -17.91
CA ASP B 83 -17.60 -10.97 -18.39
C ASP B 83 -18.49 -10.29 -17.37
N GLY B 84 -17.97 -10.13 -16.15
CA GLY B 84 -18.70 -9.44 -15.10
C GLY B 84 -19.31 -10.36 -14.06
N ASN B 85 -19.14 -11.67 -14.26
CA ASN B 85 -19.62 -12.65 -13.30
C ASN B 85 -18.64 -12.80 -12.13
N LYS B 86 -19.15 -13.24 -10.99
CA LYS B 86 -18.33 -13.42 -9.79
C LYS B 86 -18.45 -14.83 -9.23
N LYS B 87 -17.31 -15.50 -9.07
CA LYS B 87 -17.27 -16.82 -8.47
C LYS B 87 -16.65 -16.78 -7.08
N VAL B 88 -17.38 -17.30 -6.09
CA VAL B 88 -16.90 -17.37 -4.72
C VAL B 88 -16.27 -18.73 -4.41
N VAL B 89 -15.00 -18.73 -4.00
CA VAL B 89 -14.32 -19.95 -3.62
C VAL B 89 -14.13 -19.99 -2.11
N ASN B 90 -14.56 -21.07 -1.49
CA ASN B 90 -14.42 -21.20 -0.04
C ASN B 90 -13.02 -21.71 0.30
N LEU B 91 -12.36 -21.03 1.22
CA LEU B 91 -11.00 -21.39 1.61
C LEU B 91 -11.03 -22.54 2.61
N LYS B 92 -12.17 -22.72 3.26
CA LYS B 92 -12.43 -23.86 4.12
C LYS B 92 -12.68 -25.10 3.26
N LYS B 93 -13.70 -25.02 2.41
CA LYS B 93 -14.07 -26.12 1.52
C LYS B 93 -13.97 -25.73 0.05
N ASN B 94 -13.07 -26.36 -0.69
CA ASN B 94 -13.06 -26.12 -2.13
C ASN B 94 -13.39 -27.37 -2.90
N ASP B 95 -14.69 -27.57 -3.13
CA ASP B 95 -15.17 -28.68 -3.95
C ASP B 95 -14.67 -28.58 -5.37
N ASP B 96 -14.26 -27.38 -5.77
CA ASP B 96 -13.81 -27.14 -7.13
C ASP B 96 -12.29 -27.18 -7.25
N ALA B 97 -11.62 -27.73 -6.24
CA ALA B 97 -10.17 -27.75 -6.19
C ALA B 97 -9.56 -28.40 -7.43
N LYS B 98 -10.16 -29.51 -7.86
CA LYS B 98 -9.64 -30.26 -8.99
C LYS B 98 -10.19 -29.76 -10.33
N ASN B 99 -11.17 -28.87 -10.27
CA ASN B 99 -11.68 -28.21 -11.47
C ASN B 99 -10.65 -27.28 -12.06
N SER B 100 -10.88 -26.86 -13.30
CA SER B 100 -9.97 -25.95 -13.98
C SER B 100 -10.63 -24.62 -14.30
N ILE B 101 -9.82 -23.59 -14.50
CA ILE B 101 -10.30 -22.29 -14.93
C ILE B 101 -9.24 -21.58 -15.77
N ASP B 102 -9.69 -20.92 -16.82
CA ASP B 102 -8.83 -20.08 -17.63
C ASP B 102 -8.45 -18.84 -16.83
N PRO B 103 -7.17 -18.70 -16.48
CA PRO B 103 -6.70 -17.56 -15.68
C PRO B 103 -6.85 -16.23 -16.42
N SER B 104 -6.88 -16.28 -17.75
CA SER B 104 -7.01 -15.08 -18.56
C SER B 104 -8.42 -14.49 -18.50
N THR B 105 -9.36 -15.25 -17.94
CA THR B 105 -10.73 -14.78 -17.80
C THR B 105 -10.93 -14.01 -16.50
N ILE B 106 -9.91 -13.97 -15.65
CA ILE B 106 -10.04 -13.33 -14.35
C ILE B 106 -9.61 -11.87 -14.39
N LYS B 107 -10.45 -10.98 -13.86
CA LYS B 107 -10.14 -9.56 -13.79
C LYS B 107 -9.48 -9.18 -12.47
N GLN B 108 -10.09 -9.57 -11.35
CA GLN B 108 -9.50 -9.31 -10.04
C GLN B 108 -9.92 -10.37 -9.03
N ILE B 109 -9.21 -10.43 -7.91
CA ILE B 109 -9.56 -11.38 -6.84
C ILE B 109 -9.65 -10.68 -5.49
N GLN B 110 -10.78 -10.84 -4.81
CA GLN B 110 -10.98 -10.27 -3.50
CA GLN B 110 -10.96 -10.26 -3.50
C GLN B 110 -10.90 -11.35 -2.43
N ILE B 111 -9.82 -11.37 -1.67
CA ILE B 111 -9.65 -12.36 -0.61
C ILE B 111 -10.15 -11.79 0.70
N VAL B 112 -11.04 -12.52 1.37
CA VAL B 112 -11.68 -11.99 2.57
C VAL B 112 -11.76 -13.02 3.71
N VAL B 113 -11.16 -12.68 4.85
CA VAL B 113 -11.24 -13.53 6.05
C VAL B 113 -11.77 -12.72 7.23
N LYS B 114 -12.87 -13.16 7.81
CA LYS B 114 -13.39 -12.52 9.00
C LYS B 114 -14.33 -13.45 9.78
#